data_3VM5
#
_entry.id   3VM5
#
_cell.length_a   83.045
_cell.length_b   83.045
_cell.length_c   174.228
_cell.angle_alpha   90.00
_cell.angle_beta   90.00
_cell.angle_gamma   120.00
#
_symmetry.space_group_name_H-M   'P 32 2 1'
#
loop_
_entity.id
_entity.type
_entity.pdbx_description
1 polymer alpha-amylase
2 non-polymer 'CALCIUM ION'
3 non-polymer 'CHLORIDE ION'
4 water water
#
_entity_poly.entity_id   1
_entity_poly.type   'polypeptide(L)'
_entity_poly.pdbx_seq_one_letter_code
;QHNPNTRDGRTAIVHLFEWRWADIAAECERFLGPKGFAGVQISPPNEHILVSSPWRPWWQRYQPISYNLCSRSGGENELR
DMITRCNNVGVNVYVDAVINHMCGAGGGEGTHSSCGSWFNANNKDFPSVPYSNLDFNDGKCKTGSGNIENYGDPYQVRDC
RLVGLLDLALEKDYVRGKVADFMNKLIDMGVAGFRVDACKHMWPGDLDNVYRRLNNLNTKWFPGGSRPFIFQEVIDLGGE
PITTGEYVGLGRVTEFKYGARLGELFRKWNGQKLSYTKNWGEGWGFMADGNAVVFTDNHDNQRGHGAGGASILTFWDPRL
YKMAVGYMLAHPYGFTRVMSSYSWDRNFVNGKDENDWIGPPSNGDGSTKPVPINPDQTCGDGWVCEHRWRQIMNMVQFRN
VVNGQPHANWWDNGNNQVAFGRGNRGFIVFNNDDWALDVTLNTGLPGGTYCDVISGNKDGGSCTGKQITVGGDGRAHFYI
NNSEEDPFIAIHADSKLHHHHHHHH
;
_entity_poly.pdbx_strand_id   A
#
# COMPACT_ATOMS: atom_id res chain seq x y z
N GLN A 1 -1.53 16.47 9.78
CA GLN A 1 -0.96 15.13 9.52
C GLN A 1 -1.76 14.15 8.64
N HIS A 2 -2.89 14.61 8.09
CA HIS A 2 -3.62 13.79 7.14
C HIS A 2 -3.19 14.11 5.73
N ASN A 3 -2.39 15.16 5.57
CA ASN A 3 -1.95 15.58 4.24
C ASN A 3 -0.76 14.77 3.70
N PRO A 4 -0.96 14.08 2.56
CA PRO A 4 0.06 13.20 2.00
C PRO A 4 1.28 13.96 1.51
N ASN A 5 1.17 15.27 1.32
CA ASN A 5 2.29 16.09 0.88
C ASN A 5 2.73 15.78 -0.53
N THR A 6 1.80 15.41 -1.40
CA THR A 6 2.17 15.14 -2.78
C THR A 6 2.53 16.41 -3.56
N ARG A 7 3.34 16.24 -4.61
CA ARG A 7 3.81 17.36 -5.41
C ARG A 7 3.35 17.19 -6.85
N ASP A 8 3.32 18.28 -7.61
CA ASP A 8 3.07 18.21 -9.05
C ASP A 8 1.78 17.53 -9.46
N GLY A 9 0.78 17.59 -8.59
CA GLY A 9 -0.50 17.00 -8.91
C GLY A 9 -0.54 15.49 -8.94
N ARG A 10 0.55 14.84 -8.53
CA ARG A 10 0.56 13.38 -8.48
C ARG A 10 -0.34 12.94 -7.36
N THR A 11 -0.85 11.70 -7.46
CA THR A 11 -1.96 11.26 -6.61
C THR A 11 -1.83 9.85 -5.99
N ALA A 12 -0.84 9.05 -6.41
CA ALA A 12 -0.80 7.67 -5.93
C ALA A 12 0.60 7.20 -5.56
N ILE A 13 0.70 6.21 -4.69
CA ILE A 13 2.00 5.68 -4.29
C ILE A 13 2.08 4.16 -4.39
N VAL A 14 3.28 3.64 -4.63
CA VAL A 14 3.49 2.19 -4.66
C VAL A 14 4.23 1.67 -3.46
N HIS A 15 3.84 0.48 -3.05
CA HIS A 15 4.64 -0.23 -2.08
C HIS A 15 5.62 -1.12 -2.79
N LEU A 16 6.87 -0.65 -2.93
CA LEU A 16 7.93 -1.50 -3.49
C LEU A 16 8.43 -2.43 -2.42
N PHE A 17 7.50 -3.23 -1.92
CA PHE A 17 7.74 -4.27 -0.95
C PHE A 17 9.06 -4.98 -1.18
N GLU A 18 9.99 -4.75 -0.27
CA GLU A 18 11.26 -5.49 -0.18
C GLU A 18 12.38 -5.09 -1.12
N TRP A 19 12.14 -4.12 -2.00
CA TRP A 19 13.21 -3.66 -2.87
C TRP A 19 14.42 -3.09 -2.12
N ARG A 20 15.59 -3.18 -2.74
CA ARG A 20 16.76 -2.58 -2.15
C ARG A 20 16.73 -1.10 -2.43
N TRP A 21 17.28 -0.32 -1.52
CA TRP A 21 17.32 1.12 -1.70
C TRP A 21 17.81 1.48 -3.11
N ALA A 22 18.91 0.86 -3.52
CA ALA A 22 19.55 1.13 -4.81
C ALA A 22 18.59 0.90 -5.96
N ASP A 23 17.77 -0.14 -5.84
CA ASP A 23 16.76 -0.42 -6.85
C ASP A 23 15.64 0.62 -6.87
N ILE A 24 15.18 1.02 -5.69
CA ILE A 24 14.15 2.04 -5.59
C ILE A 24 14.58 3.35 -6.24
N ALA A 25 15.77 3.83 -5.92
CA ALA A 25 16.27 5.08 -6.47
C ALA A 25 16.37 5.04 -7.99
N ALA A 26 16.83 3.92 -8.53
CA ALA A 26 16.91 3.77 -9.99
C ALA A 26 15.50 3.85 -10.54
N GLU A 27 14.60 3.06 -9.95
CA GLU A 27 13.20 3.01 -10.37
C GLU A 27 12.52 4.38 -10.25
N CYS A 28 12.86 5.13 -9.21
CA CYS A 28 12.38 6.50 -9.12
C CYS A 28 12.73 7.25 -10.38
N GLU A 29 14.01 7.23 -10.73
CA GLU A 29 14.52 8.07 -11.79
C GLU A 29 14.04 7.64 -13.17
N ARG A 30 14.03 6.33 -13.40
CA ARG A 30 13.71 5.82 -14.72
C ARG A 30 12.22 5.70 -14.97
N PHE A 31 11.43 5.56 -13.92
CA PHE A 31 10.04 5.19 -14.12
C PHE A 31 9.07 6.04 -13.32
N LEU A 32 9.23 6.04 -11.99
CA LEU A 32 8.23 6.64 -11.14
C LEU A 32 8.07 8.12 -11.42
N GLY A 33 9.18 8.86 -11.45
CA GLY A 33 9.14 10.27 -11.76
C GLY A 33 8.43 10.55 -13.08
N PRO A 34 8.97 10.01 -14.19
CA PRO A 34 8.37 10.16 -15.52
C PRO A 34 6.88 9.79 -15.57
N LYS A 35 6.53 8.65 -14.97
CA LYS A 35 5.16 8.16 -15.07
C LYS A 35 4.14 8.69 -14.05
N GLY A 36 4.51 9.72 -13.29
CA GLY A 36 3.58 10.42 -12.42
C GLY A 36 3.20 9.81 -11.07
N PHE A 37 4.02 8.92 -10.54
CA PHE A 37 3.74 8.37 -9.22
C PHE A 37 4.10 9.37 -8.12
N ALA A 38 3.26 9.45 -7.10
CA ALA A 38 3.42 10.44 -6.06
C ALA A 38 4.50 10.04 -5.03
N GLY A 39 4.80 8.75 -4.96
CA GLY A 39 5.77 8.29 -4.00
C GLY A 39 5.83 6.79 -3.82
N VAL A 40 6.75 6.38 -2.95
CA VAL A 40 7.00 4.99 -2.70
C VAL A 40 6.83 4.73 -1.23
N GLN A 41 6.20 3.61 -0.88
CA GLN A 41 6.34 3.11 0.47
C GLN A 41 7.42 2.05 0.47
N ILE A 42 8.34 2.15 1.43
CA ILE A 42 9.47 1.25 1.51
C ILE A 42 9.38 0.39 2.75
N SER A 43 9.98 -0.79 2.68
CA SER A 43 9.97 -1.70 3.81
C SER A 43 10.75 -1.15 5.01
N PRO A 44 10.47 -1.66 6.21
CA PRO A 44 11.08 -1.09 7.42
C PRO A 44 12.59 -1.04 7.27
N PRO A 45 13.18 0.16 7.34
CA PRO A 45 14.60 0.46 7.16
C PRO A 45 15.46 0.31 8.41
N ASN A 46 14.87 -0.08 9.52
CA ASN A 46 15.60 -0.21 10.78
C ASN A 46 16.34 -1.53 10.84
N GLU A 47 17.22 -1.70 11.82
CA GLU A 47 17.88 -2.98 12.03
C GLU A 47 16.86 -4.00 12.56
N HIS A 48 16.93 -5.24 12.06
CA HIS A 48 15.99 -6.28 12.44
C HIS A 48 16.66 -7.65 12.66
N ILE A 49 15.96 -8.62 13.26
CA ILE A 49 16.53 -9.96 13.34
C ILE A 49 16.73 -10.57 11.94
N LEU A 50 17.63 -11.55 11.90
CA LEU A 50 17.69 -12.48 10.79
C LEU A 50 17.18 -13.84 11.28
N VAL A 51 15.98 -14.20 10.88
CA VAL A 51 15.47 -15.55 11.10
C VAL A 51 16.13 -16.55 10.14
N SER A 52 16.45 -17.73 10.64
CA SER A 52 17.07 -18.76 9.84
C SER A 52 16.15 -19.98 9.65
N SER A 53 15.23 -20.16 10.58
CA SER A 53 14.22 -21.17 10.43
C SER A 53 12.87 -20.50 10.65
N PRO A 54 12.11 -20.24 9.57
CA PRO A 54 12.43 -20.53 8.17
C PRO A 54 13.45 -19.56 7.62
N TRP A 55 13.98 -19.84 6.43
CA TRP A 55 15.11 -19.10 5.91
C TRP A 55 14.78 -17.65 5.51
N ARG A 56 15.15 -16.72 6.38
CA ARG A 56 15.08 -15.32 6.02
C ARG A 56 13.73 -14.87 5.44
N PRO A 57 12.63 -15.08 6.19
CA PRO A 57 11.27 -14.73 5.73
C PRO A 57 11.06 -13.23 5.62
N TRP A 58 10.08 -12.83 4.82
CA TRP A 58 9.80 -11.41 4.63
C TRP A 58 9.48 -10.79 6.00
N TRP A 59 8.81 -11.57 6.83
CA TRP A 59 8.33 -11.02 8.06
C TRP A 59 9.39 -10.81 9.13
N GLN A 60 10.65 -11.09 8.81
CA GLN A 60 11.69 -10.83 9.78
C GLN A 60 11.93 -9.33 9.93
N ARG A 61 11.59 -8.57 8.90
CA ARG A 61 11.88 -7.14 8.92
C ARG A 61 10.96 -6.38 9.87
N TYR A 62 9.98 -7.10 10.42
CA TYR A 62 9.04 -6.54 11.40
C TYR A 62 9.36 -6.99 12.79
N GLN A 63 10.64 -7.26 13.02
CA GLN A 63 11.13 -7.60 14.34
C GLN A 63 12.41 -6.81 14.49
N PRO A 64 12.28 -5.56 14.95
CA PRO A 64 13.41 -4.63 15.06
C PRO A 64 14.44 -5.05 16.12
N ILE A 65 15.64 -4.51 16.01
CA ILE A 65 16.76 -4.83 16.90
C ILE A 65 17.34 -3.55 17.49
N SER A 66 17.42 -2.53 16.64
CA SER A 66 17.84 -1.19 17.02
C SER A 66 17.17 -0.22 16.02
N TYR A 67 17.49 1.07 16.11
CA TYR A 67 16.96 1.99 15.11
C TYR A 67 18.08 2.44 14.20
N ASN A 68 19.14 1.65 14.16
CA ASN A 68 20.21 1.92 13.22
C ASN A 68 19.72 1.59 11.85
N LEU A 69 20.02 2.47 10.90
CA LEU A 69 19.45 2.37 9.58
C LEU A 69 20.17 1.42 8.64
N CYS A 70 20.42 0.20 9.09
CA CYS A 70 20.85 -0.83 8.13
C CYS A 70 20.00 -2.11 8.17
N SER A 71 19.35 -2.37 7.04
CA SER A 71 18.33 -3.40 6.92
C SER A 71 18.64 -4.28 5.73
N ARG A 72 17.73 -5.18 5.40
CA ARG A 72 17.97 -6.03 4.24
C ARG A 72 18.09 -5.23 2.94
N SER A 73 17.40 -4.10 2.87
CA SER A 73 17.38 -3.33 1.63
C SER A 73 18.65 -2.52 1.42
N GLY A 74 19.45 -2.35 2.48
CA GLY A 74 20.62 -1.51 2.34
C GLY A 74 21.06 -0.82 3.62
N GLY A 75 22.07 0.03 3.48
CA GLY A 75 22.64 0.73 4.61
C GLY A 75 22.22 2.19 4.69
N GLU A 76 22.68 2.85 5.75
CA GLU A 76 22.27 4.22 6.01
C GLU A 76 22.62 5.12 4.85
N ASN A 77 23.81 4.92 4.27
CA ASN A 77 24.23 5.76 3.17
C ASN A 77 23.47 5.53 1.89
N GLU A 78 23.10 4.28 1.65
CA GLU A 78 22.33 3.95 0.45
C GLU A 78 20.97 4.59 0.60
N LEU A 79 20.39 4.36 1.77
CA LEU A 79 19.13 4.96 2.16
C LEU A 79 19.07 6.45 1.86
N ARG A 80 20.07 7.22 2.29
CA ARG A 80 20.06 8.68 2.11
C ARG A 80 20.14 9.03 0.64
N ASP A 81 20.89 8.25 -0.09
CA ASP A 81 21.11 8.50 -1.48
C ASP A 81 19.81 8.30 -2.24
N MET A 82 19.00 7.36 -1.76
CA MET A 82 17.73 7.04 -2.39
C MET A 82 16.68 8.13 -2.20
N ILE A 83 16.43 8.47 -0.93
CA ILE A 83 15.55 9.55 -0.58
C ILE A 83 15.88 10.73 -1.47
N THR A 84 17.16 11.04 -1.57
CA THR A 84 17.57 12.23 -2.31
C THR A 84 17.22 12.16 -3.78
N ARG A 85 17.62 11.06 -4.42
CA ARG A 85 17.35 10.90 -5.84
C ARG A 85 15.85 10.84 -6.13
N CYS A 86 15.12 10.07 -5.31
CA CYS A 86 13.66 10.06 -5.43
C CYS A 86 13.05 11.44 -5.23
N ASN A 87 13.45 12.14 -4.17
CA ASN A 87 12.96 13.48 -3.96
C ASN A 87 13.27 14.40 -5.13
N ASN A 88 14.46 14.30 -5.67
CA ASN A 88 14.86 15.24 -6.71
C ASN A 88 14.00 15.17 -7.95
N VAL A 89 13.31 14.05 -8.13
CA VAL A 89 12.37 13.92 -9.23
C VAL A 89 10.91 13.87 -8.76
N GLY A 90 10.65 14.47 -7.60
CA GLY A 90 9.31 14.63 -7.10
C GLY A 90 8.58 13.39 -6.57
N VAL A 91 9.31 12.32 -6.30
CA VAL A 91 8.65 11.16 -5.72
C VAL A 91 8.92 11.12 -4.22
N ASN A 92 7.85 11.24 -3.43
CA ASN A 92 7.95 11.21 -1.97
C ASN A 92 8.32 9.84 -1.46
N VAL A 93 8.84 9.80 -0.24
CA VAL A 93 9.16 8.53 0.38
C VAL A 93 8.40 8.36 1.69
N TYR A 94 7.59 7.32 1.78
CA TYR A 94 6.93 6.99 3.02
C TYR A 94 7.58 5.74 3.63
N VAL A 95 7.75 5.76 4.95
CA VAL A 95 8.47 4.72 5.64
C VAL A 95 7.54 3.86 6.45
N ASP A 96 7.70 2.56 6.31
CA ASP A 96 7.05 1.60 7.18
C ASP A 96 7.72 1.64 8.57
N ALA A 97 6.97 2.10 9.58
CA ALA A 97 7.54 2.31 10.92
C ALA A 97 7.09 1.25 11.91
N VAL A 98 8.01 0.40 12.33
CA VAL A 98 7.64 -0.64 13.28
C VAL A 98 8.03 -0.24 14.69
N ILE A 99 7.04 0.05 15.53
CA ILE A 99 7.37 0.64 16.83
C ILE A 99 6.52 0.11 17.96
N ASN A 100 5.60 -0.79 17.64
CA ASN A 100 4.82 -1.44 18.66
C ASN A 100 5.70 -2.35 19.49
N HIS A 101 6.81 -2.79 18.89
CA HIS A 101 7.58 -3.90 19.46
C HIS A 101 9.00 -3.98 18.96
N MET A 102 9.77 -4.87 19.59
CA MET A 102 11.06 -5.31 19.08
C MET A 102 10.86 -6.69 18.50
N CYS A 103 11.85 -7.57 18.61
CA CYS A 103 11.70 -8.90 18.06
C CYS A 103 10.86 -9.84 18.93
N GLY A 104 10.79 -11.10 18.53
CA GLY A 104 10.07 -12.13 19.26
C GLY A 104 10.76 -12.54 20.55
N ALA A 105 9.95 -12.89 21.54
CA ALA A 105 10.43 -13.23 22.88
C ALA A 105 11.44 -14.36 22.85
N GLY A 106 11.22 -15.32 21.95
CA GLY A 106 12.13 -16.42 21.74
C GLY A 106 13.16 -16.14 20.66
N GLY A 107 13.60 -14.89 20.57
CA GLY A 107 14.54 -14.51 19.54
C GLY A 107 15.92 -15.00 19.85
N GLY A 108 16.12 -15.47 21.09
CA GLY A 108 17.44 -15.90 21.48
C GLY A 108 18.40 -14.73 21.62
N GLU A 109 19.67 -14.97 21.32
CA GLU A 109 20.71 -13.98 21.54
C GLU A 109 21.99 -14.32 20.80
N GLY A 110 22.68 -13.29 20.33
CA GLY A 110 23.81 -13.45 19.43
C GLY A 110 23.91 -12.21 18.56
N THR A 111 24.41 -12.39 17.34
CA THR A 111 24.57 -11.26 16.45
C THR A 111 23.82 -11.44 15.15
N HIS A 112 22.78 -12.27 15.17
CA HIS A 112 21.93 -12.49 14.00
C HIS A 112 21.00 -11.31 13.71
N SER A 113 21.58 -10.17 13.34
CA SER A 113 20.84 -8.95 13.11
C SER A 113 21.36 -8.23 11.87
N SER A 114 20.49 -7.43 11.26
CA SER A 114 20.79 -6.87 9.96
C SER A 114 22.02 -5.95 9.98
N CYS A 115 22.53 -5.67 11.17
CA CYS A 115 23.76 -4.87 11.31
C CYS A 115 24.88 -5.70 11.90
N GLY A 116 24.53 -6.90 12.34
CA GLY A 116 25.48 -7.73 13.06
C GLY A 116 25.73 -7.22 14.47
N SER A 117 24.81 -6.39 14.98
CA SER A 117 24.80 -6.02 16.40
C SER A 117 24.74 -7.27 17.26
N TRP A 118 25.19 -7.17 18.50
CA TRP A 118 24.85 -8.19 19.49
C TRP A 118 23.57 -7.79 20.26
N PHE A 119 22.84 -8.77 20.77
CA PHE A 119 21.62 -8.51 21.53
C PHE A 119 21.15 -9.79 22.22
N ASN A 120 20.38 -9.66 23.30
CA ASN A 120 19.85 -10.81 24.02
C ASN A 120 18.35 -10.71 24.28
N ALA A 121 17.55 -11.20 23.34
CA ALA A 121 16.10 -11.16 23.45
C ALA A 121 15.57 -11.99 24.62
N ASN A 122 16.45 -12.77 25.25
CA ASN A 122 16.04 -13.56 26.41
C ASN A 122 15.96 -12.70 27.65
N ASN A 123 16.86 -11.72 27.74
CA ASN A 123 16.87 -10.81 28.88
C ASN A 123 16.32 -9.46 28.46
N LYS A 124 15.72 -9.42 27.28
CA LYS A 124 15.06 -8.23 26.80
C LYS A 124 16.07 -7.08 26.63
N ASP A 125 17.28 -7.43 26.23
CA ASP A 125 18.39 -6.48 26.20
C ASP A 125 18.74 -6.06 24.77
N PHE A 126 18.59 -4.77 24.48
CA PHE A 126 18.91 -4.29 23.14
C PHE A 126 19.87 -3.10 23.15
N PRO A 127 21.13 -3.35 23.52
CA PRO A 127 22.10 -2.30 23.81
C PRO A 127 22.20 -1.20 22.75
N SER A 128 21.83 -1.51 21.51
CA SER A 128 21.97 -0.55 20.41
C SER A 128 21.00 0.63 20.46
N VAL A 129 19.87 0.45 21.18
CA VAL A 129 18.90 1.54 21.33
C VAL A 129 19.36 2.62 22.31
N PRO A 130 19.60 2.25 23.59
CA PRO A 130 19.39 0.93 24.23
C PRO A 130 18.03 0.77 24.89
N TYR A 131 17.58 -0.48 25.00
CA TYR A 131 16.34 -0.85 25.68
C TYR A 131 16.67 -1.98 26.66
N SER A 132 15.76 -2.23 27.60
CA SER A 132 16.00 -3.22 28.65
C SER A 132 14.69 -3.70 29.27
N ASN A 133 14.79 -4.69 30.14
CA ASN A 133 13.61 -5.35 30.68
C ASN A 133 12.46 -4.39 31.05
N LEU A 134 12.82 -3.25 31.62
CA LEU A 134 11.82 -2.34 32.15
C LEU A 134 11.11 -1.50 31.08
N ASP A 135 11.58 -1.62 29.84
CA ASP A 135 10.96 -0.88 28.73
C ASP A 135 9.85 -1.66 28.01
N PHE A 136 9.32 -2.69 28.66
CA PHE A 136 8.33 -3.58 28.06
C PHE A 136 7.05 -3.77 28.86
N ASN A 137 6.00 -4.23 28.19
CA ASN A 137 4.65 -4.24 28.78
C ASN A 137 4.27 -5.45 29.62
N ASP A 138 5.23 -6.33 29.88
CA ASP A 138 4.98 -7.56 30.63
C ASP A 138 4.00 -7.39 31.80
N GLY A 139 4.35 -6.52 32.73
CA GLY A 139 3.53 -6.28 33.90
C GLY A 139 2.10 -5.85 33.59
N LYS A 140 1.90 -5.26 32.42
CA LYS A 140 0.60 -4.72 32.04
C LYS A 140 -0.32 -5.78 31.43
N CYS A 141 0.27 -6.84 30.87
CA CYS A 141 -0.47 -7.96 30.32
C CYS A 141 -0.88 -8.95 31.40
N LYS A 142 -2.06 -9.52 31.28
CA LYS A 142 -2.50 -10.47 32.31
C LYS A 142 -2.91 -11.80 31.70
N THR A 143 -2.58 -11.95 30.43
CA THR A 143 -2.82 -13.21 29.76
C THR A 143 -1.89 -14.27 30.35
N GLY A 144 -2.36 -15.52 30.35
CA GLY A 144 -1.54 -16.63 30.74
C GLY A 144 -0.24 -16.62 29.95
N SER A 145 -0.35 -16.72 28.62
CA SER A 145 0.81 -16.73 27.74
C SER A 145 1.53 -15.39 27.61
N GLY A 146 0.91 -14.29 28.03
CA GLY A 146 1.48 -12.99 27.76
C GLY A 146 1.38 -12.59 26.28
N ASN A 147 0.67 -13.40 25.50
CA ASN A 147 0.37 -13.02 24.13
C ASN A 147 -1.08 -12.60 24.07
N ILE A 148 -1.46 -11.92 22.99
CA ILE A 148 -2.84 -11.61 22.75
C ILE A 148 -3.55 -12.94 22.56
N GLU A 149 -4.58 -13.19 23.35
CA GLU A 149 -5.33 -14.45 23.31
C GLU A 149 -6.78 -14.19 22.86
N ASN A 150 -7.27 -12.98 23.10
CA ASN A 150 -8.64 -12.63 22.76
C ASN A 150 -8.77 -11.21 22.22
N TYR A 151 -9.16 -11.07 20.97
CA TYR A 151 -9.35 -9.73 20.39
C TYR A 151 -10.62 -9.01 20.83
N GLY A 152 -11.53 -9.70 21.51
CA GLY A 152 -12.66 -9.03 22.09
C GLY A 152 -12.21 -8.08 23.19
N ASP A 153 -10.97 -8.28 23.68
CA ASP A 153 -10.48 -7.48 24.79
C ASP A 153 -9.47 -6.45 24.28
N PRO A 154 -9.87 -5.18 24.33
CA PRO A 154 -9.10 -4.00 23.90
C PRO A 154 -7.84 -3.76 24.72
N TYR A 155 -7.76 -4.33 25.91
CA TYR A 155 -6.58 -4.11 26.73
C TYR A 155 -5.49 -5.09 26.32
N GLN A 156 -5.90 -6.33 26.08
CA GLN A 156 -4.98 -7.35 25.62
C GLN A 156 -4.28 -6.88 24.36
N VAL A 157 -5.08 -6.38 23.43
CA VAL A 157 -4.59 -6.04 22.12
C VAL A 157 -3.51 -4.97 22.15
N ARG A 158 -3.52 -4.12 23.17
CA ARG A 158 -2.47 -3.11 23.24
C ARG A 158 -1.28 -3.50 24.11
N ASP A 159 -1.54 -4.26 25.16
CA ASP A 159 -0.56 -4.48 26.24
C ASP A 159 0.11 -5.85 26.24
N CYS A 160 -0.52 -6.80 25.58
CA CYS A 160 0.07 -8.11 25.44
C CYS A 160 0.93 -8.20 24.19
N ARG A 161 1.60 -9.32 24.00
CA ARG A 161 2.47 -9.50 22.85
C ARG A 161 1.71 -9.95 21.62
N LEU A 162 2.00 -9.30 20.50
CA LEU A 162 1.45 -9.71 19.23
C LEU A 162 2.13 -11.00 18.77
N VAL A 163 1.43 -12.11 18.89
CA VAL A 163 2.00 -13.42 18.58
C VAL A 163 3.45 -13.54 19.03
N GLY A 164 3.71 -13.14 20.28
CA GLY A 164 5.03 -13.34 20.86
C GLY A 164 6.05 -12.22 20.74
N LEU A 165 5.76 -11.17 19.97
CA LEU A 165 6.70 -10.05 19.85
C LEU A 165 6.73 -9.17 21.10
N LEU A 166 7.94 -8.84 21.55
CA LEU A 166 8.14 -8.05 22.76
C LEU A 166 7.53 -6.67 22.68
N ASP A 167 6.51 -6.44 23.52
CA ASP A 167 5.65 -5.27 23.42
C ASP A 167 6.23 -4.08 24.16
N LEU A 168 6.67 -3.10 23.39
CA LEU A 168 7.23 -1.88 23.96
C LEU A 168 6.25 -1.15 24.87
N ALA A 169 6.76 -0.67 26.00
CA ALA A 169 5.99 0.08 26.96
C ALA A 169 5.88 1.53 26.50
N LEU A 170 4.85 1.85 25.74
CA LEU A 170 4.86 3.11 25.05
C LEU A 170 4.34 4.29 25.86
N GLU A 171 3.86 4.02 27.08
CA GLU A 171 3.51 5.08 28.00
C GLU A 171 4.78 5.75 28.54
N LYS A 172 5.91 5.09 28.39
CA LYS A 172 7.15 5.60 29.00
C LYS A 172 7.79 6.67 28.15
N ASP A 173 7.94 7.86 28.74
CA ASP A 173 8.59 8.97 28.07
C ASP A 173 9.93 8.56 27.44
N TYR A 174 10.67 7.68 28.10
CA TYR A 174 11.92 7.21 27.52
C TYR A 174 11.71 6.51 26.17
N VAL A 175 10.73 5.62 26.13
CA VAL A 175 10.44 4.90 24.90
C VAL A 175 9.90 5.82 23.80
N ARG A 176 8.91 6.65 24.15
CA ARG A 176 8.38 7.66 23.24
C ARG A 176 9.51 8.51 22.65
N GLY A 177 10.47 8.88 23.49
CA GLY A 177 11.57 9.68 23.02
C GLY A 177 12.40 8.95 21.98
N LYS A 178 12.75 7.71 22.27
CA LYS A 178 13.59 6.90 21.39
C LYS A 178 12.99 6.75 20.01
N VAL A 179 11.72 6.37 20.00
CA VAL A 179 11.00 6.16 18.77
C VAL A 179 10.98 7.42 17.91
N ALA A 180 10.72 8.55 18.55
CA ALA A 180 10.64 9.82 17.82
C ALA A 180 12.00 10.24 17.24
N ASP A 181 13.07 10.01 18.00
CA ASP A 181 14.38 10.34 17.49
C ASP A 181 14.57 9.60 16.19
N PHE A 182 14.08 8.37 16.16
CA PHE A 182 14.14 7.51 15.01
C PHE A 182 13.39 8.15 13.84
N MET A 183 12.13 8.45 14.04
CA MET A 183 11.33 9.03 12.97
C MET A 183 11.84 10.40 12.55
N ASN A 184 12.41 11.14 13.48
CA ASN A 184 12.94 12.44 13.13
C ASN A 184 14.17 12.31 12.26
N LYS A 185 15.00 11.32 12.59
CA LYS A 185 16.21 11.05 11.83
C LYS A 185 15.83 10.86 10.37
N LEU A 186 14.81 10.04 10.14
CA LEU A 186 14.26 9.80 8.80
C LEU A 186 13.70 11.08 8.15
N ILE A 187 12.90 11.82 8.90
CA ILE A 187 12.31 13.03 8.36
C ILE A 187 13.40 14.01 7.97
N ASP A 188 14.42 14.11 8.81
CA ASP A 188 15.51 15.03 8.53
C ASP A 188 16.17 14.72 7.20
N MET A 189 16.24 13.44 6.87
CA MET A 189 16.79 12.99 5.60
C MET A 189 15.95 13.35 4.37
N GLY A 190 14.67 13.68 4.56
CA GLY A 190 13.80 14.02 3.45
C GLY A 190 12.60 13.10 3.25
N VAL A 191 12.37 12.24 4.23
CA VAL A 191 11.23 11.35 4.18
C VAL A 191 9.94 12.18 4.30
N ALA A 192 8.87 11.74 3.65
CA ALA A 192 7.66 12.55 3.56
C ALA A 192 6.55 12.17 4.54
N GLY A 193 6.69 11.01 5.18
CA GLY A 193 5.64 10.47 6.00
C GLY A 193 5.86 9.02 6.41
N PHE A 194 4.88 8.44 7.07
CA PHE A 194 4.99 7.11 7.62
C PHE A 194 3.73 6.29 7.47
N ARG A 195 3.93 5.01 7.23
CA ARG A 195 2.90 4.02 7.43
C ARG A 195 3.24 3.46 8.78
N VAL A 196 2.46 3.81 9.78
CA VAL A 196 2.72 3.25 11.09
C VAL A 196 2.18 1.84 11.18
N ASP A 197 3.09 0.90 11.35
CA ASP A 197 2.76 -0.51 11.46
C ASP A 197 2.03 -0.84 12.76
N ALA A 198 1.06 -1.74 12.69
CA ALA A 198 0.60 -2.45 13.88
C ALA A 198 -0.22 -1.61 14.84
N CYS A 199 -0.83 -0.54 14.34
CA CYS A 199 -1.44 0.47 15.21
C CYS A 199 -2.54 -0.02 16.11
N LYS A 200 -3.35 -0.95 15.61
CA LYS A 200 -4.37 -1.59 16.42
C LYS A 200 -3.80 -1.95 17.80
N HIS A 201 -2.48 -2.11 17.87
CA HIS A 201 -1.85 -2.69 19.06
C HIS A 201 -1.22 -1.68 19.97
N MET A 202 -1.24 -0.44 19.55
CA MET A 202 -0.79 0.67 20.38
C MET A 202 -1.94 1.57 20.84
N TRP A 203 -1.73 2.31 21.92
CA TRP A 203 -2.76 3.23 22.41
C TRP A 203 -2.67 4.55 21.66
N PRO A 204 -3.84 5.06 21.23
CA PRO A 204 -3.89 6.40 20.61
C PRO A 204 -3.22 7.41 21.53
N GLY A 205 -3.40 7.26 22.84
CA GLY A 205 -2.67 8.08 23.78
C GLY A 205 -1.18 8.15 23.47
N ASP A 206 -0.54 6.98 23.32
CA ASP A 206 0.90 6.91 23.12
C ASP A 206 1.27 7.40 21.75
N LEU A 207 0.44 7.09 20.78
CA LEU A 207 0.71 7.50 19.41
C LEU A 207 0.77 9.00 19.26
N ASP A 208 -0.22 9.68 19.85
CA ASP A 208 -0.28 11.13 19.73
C ASP A 208 0.98 11.72 20.31
N ASN A 209 1.38 11.19 21.46
CA ASN A 209 2.56 11.71 22.15
C ASN A 209 3.81 11.65 21.28
N VAL A 210 3.93 10.57 20.50
CA VAL A 210 4.95 10.49 19.48
C VAL A 210 4.71 11.49 18.35
N TYR A 211 3.53 11.45 17.73
CA TYR A 211 3.33 12.24 16.51
C TYR A 211 3.62 13.70 16.77
N ARG A 212 3.26 14.16 17.97
CA ARG A 212 3.47 15.55 18.36
C ARG A 212 4.96 15.89 18.50
N ARG A 213 5.81 14.87 18.64
CA ARG A 213 7.25 15.10 18.77
C ARG A 213 7.97 15.20 17.42
N LEU A 214 7.26 14.95 16.32
CA LEU A 214 7.88 14.93 15.00
C LEU A 214 8.08 16.30 14.36
N ASN A 215 9.24 16.50 13.74
CA ASN A 215 9.57 17.74 13.07
C ASN A 215 8.79 17.97 11.79
N ASN A 216 8.84 19.22 11.31
CA ASN A 216 8.32 19.57 10.00
C ASN A 216 9.25 19.00 8.92
N LEU A 217 8.72 18.73 7.75
CA LEU A 217 9.51 18.09 6.71
C LEU A 217 10.62 19.01 6.22
N ASN A 218 11.64 18.40 5.62
CA ASN A 218 12.82 19.07 5.10
C ASN A 218 12.55 20.07 3.95
N THR A 219 12.77 21.35 4.22
CA THR A 219 12.45 22.42 3.28
C THR A 219 13.31 22.40 2.04
N LYS A 220 14.16 21.39 1.91
CA LYS A 220 14.92 21.23 0.69
C LYS A 220 13.97 20.86 -0.44
N TRP A 221 12.84 20.24 -0.11
CA TRP A 221 11.91 19.78 -1.13
C TRP A 221 10.47 20.15 -0.77
N PHE A 222 10.25 20.39 0.51
CA PHE A 222 8.92 20.58 1.02
C PHE A 222 8.74 22.00 1.57
N PRO A 223 7.64 22.64 1.21
CA PRO A 223 7.36 23.98 1.75
C PRO A 223 7.49 24.00 3.27
N GLY A 224 7.70 25.20 3.81
CA GLY A 224 7.77 25.38 5.25
C GLY A 224 6.44 25.02 5.85
N GLY A 225 6.45 24.50 7.06
CA GLY A 225 5.21 24.15 7.73
C GLY A 225 4.56 22.87 7.24
N SER A 226 5.30 22.06 6.49
CA SER A 226 4.80 20.75 6.08
C SER A 226 4.96 19.82 7.25
N ARG A 227 4.01 18.91 7.43
CA ARG A 227 4.09 17.94 8.52
C ARG A 227 4.19 16.56 7.95
N PRO A 228 4.76 15.62 8.71
CA PRO A 228 4.84 14.25 8.20
C PRO A 228 3.45 13.71 7.92
N PHE A 229 3.30 12.96 6.85
CA PHE A 229 2.03 12.30 6.60
C PHE A 229 1.94 11.07 7.50
N ILE A 230 0.79 10.82 8.09
CA ILE A 230 0.64 9.61 8.90
C ILE A 230 -0.48 8.77 8.37
N PHE A 231 -0.20 7.53 7.99
CA PHE A 231 -1.28 6.57 7.90
C PHE A 231 -1.00 5.34 8.70
N GLN A 232 -2.07 4.80 9.28
CA GLN A 232 -1.95 3.84 10.37
C GLN A 232 -2.59 2.50 10.04
N GLU A 233 -1.89 1.42 10.34
CA GLU A 233 -2.43 0.10 10.09
C GLU A 233 -3.36 -0.28 11.23
N VAL A 234 -4.66 -0.22 10.95
CA VAL A 234 -5.66 -0.69 11.89
C VAL A 234 -6.61 -1.50 11.06
N ILE A 235 -6.90 -2.71 11.52
CA ILE A 235 -7.78 -3.58 10.78
C ILE A 235 -9.11 -3.64 11.49
N ASP A 236 -10.16 -3.31 10.77
CA ASP A 236 -11.50 -3.25 11.32
C ASP A 236 -12.42 -3.65 10.20
N LEU A 237 -13.14 -4.75 10.38
CA LEU A 237 -14.05 -5.22 9.37
C LEU A 237 -15.47 -5.31 9.93
N GLY A 238 -15.64 -4.74 11.12
CA GLY A 238 -16.91 -4.78 11.82
C GLY A 238 -16.86 -5.79 12.94
N GLY A 239 -17.60 -5.53 14.01
CA GLY A 239 -17.67 -6.42 15.14
C GLY A 239 -16.46 -6.29 16.05
N GLU A 240 -15.39 -5.77 15.47
CA GLU A 240 -14.20 -5.47 16.25
C GLU A 240 -14.65 -4.57 17.37
N PRO A 241 -14.19 -4.85 18.59
CA PRO A 241 -14.40 -3.82 19.63
C PRO A 241 -13.61 -2.58 19.24
N ILE A 242 -12.43 -2.80 18.68
CA ILE A 242 -11.57 -1.70 18.24
C ILE A 242 -11.86 -1.25 16.82
N THR A 243 -12.19 0.03 16.69
CA THR A 243 -12.56 0.62 15.43
C THR A 243 -11.55 1.68 14.98
N THR A 244 -11.55 1.96 13.68
CA THR A 244 -10.64 2.95 13.13
C THR A 244 -10.96 4.34 13.67
N GLY A 245 -12.16 4.48 14.25
CA GLY A 245 -12.58 5.74 14.82
C GLY A 245 -11.62 6.28 15.85
N GLU A 246 -10.96 5.39 16.57
CA GLU A 246 -10.11 5.81 17.67
C GLU A 246 -8.81 6.44 17.21
N TYR A 247 -8.42 6.16 15.96
CA TYR A 247 -7.13 6.62 15.44
C TYR A 247 -7.32 7.74 14.44
N VAL A 248 -8.52 7.81 13.91
CA VAL A 248 -8.80 8.63 12.76
C VAL A 248 -8.51 10.13 12.97
N GLY A 249 -8.46 10.58 14.21
CA GLY A 249 -8.12 11.95 14.48
C GLY A 249 -6.64 12.23 14.57
N LEU A 250 -5.81 11.19 14.51
CA LEU A 250 -4.38 11.34 14.69
C LEU A 250 -3.68 11.37 13.35
N GLY A 251 -4.39 10.85 12.34
CA GLY A 251 -3.87 10.78 10.98
C GLY A 251 -4.74 9.83 10.21
N ARG A 252 -4.38 9.54 8.95
CA ARG A 252 -5.18 8.63 8.15
C ARG A 252 -5.07 7.19 8.62
N VAL A 253 -6.04 6.38 8.23
CA VAL A 253 -6.03 4.98 8.58
C VAL A 253 -6.26 4.13 7.33
N THR A 254 -5.82 2.89 7.38
CA THR A 254 -6.01 1.96 6.29
C THR A 254 -7.46 1.54 6.31
N GLU A 255 -8.15 1.61 5.18
CA GLU A 255 -9.52 1.08 5.14
C GLU A 255 -9.54 -0.32 4.56
N PHE A 256 -9.38 -1.32 5.42
CA PHE A 256 -9.31 -2.71 4.95
C PHE A 256 -10.63 -3.23 4.41
N LYS A 257 -11.73 -2.56 4.70
CA LYS A 257 -13.01 -2.97 4.16
C LYS A 257 -12.99 -2.76 2.66
N TYR A 258 -12.13 -1.86 2.22
CA TYR A 258 -12.12 -1.46 0.82
C TYR A 258 -11.71 -2.61 -0.08
N GLY A 259 -10.61 -3.28 0.26
CA GLY A 259 -10.08 -4.31 -0.62
C GLY A 259 -10.86 -5.58 -0.44
N ALA A 260 -11.37 -5.75 0.77
CA ALA A 260 -12.04 -6.97 1.12
C ALA A 260 -13.32 -6.99 0.35
N ARG A 261 -14.05 -5.89 0.44
CA ARG A 261 -15.35 -5.80 -0.18
C ARG A 261 -15.20 -5.74 -1.68
N LEU A 262 -14.20 -5.01 -2.16
CA LEU A 262 -13.94 -4.92 -3.60
C LEU A 262 -13.60 -6.26 -4.24
N GLY A 263 -12.85 -7.08 -3.51
CA GLY A 263 -12.49 -8.41 -3.97
C GLY A 263 -13.69 -9.31 -4.16
N GLU A 264 -14.56 -9.40 -3.16
CA GLU A 264 -15.71 -10.28 -3.28
C GLU A 264 -16.68 -9.77 -4.33
N LEU A 265 -16.54 -8.50 -4.67
CA LEU A 265 -17.36 -7.93 -5.73
C LEU A 265 -16.96 -8.44 -7.10
N PHE A 266 -15.69 -8.30 -7.45
CA PHE A 266 -15.26 -8.82 -8.75
C PHE A 266 -15.25 -10.37 -8.82
N ARG A 267 -15.18 -11.02 -7.66
CA ARG A 267 -15.30 -12.46 -7.61
C ARG A 267 -16.76 -12.88 -7.71
N LYS A 268 -17.64 -11.97 -7.29
CA LYS A 268 -19.08 -12.24 -7.34
C LYS A 268 -19.51 -13.23 -6.26
N TRP A 269 -18.84 -13.18 -5.13
CA TRP A 269 -19.16 -14.04 -4.01
C TRP A 269 -20.32 -13.51 -3.17
N ASN A 270 -21.05 -14.43 -2.55
CA ASN A 270 -22.19 -14.08 -1.71
C ASN A 270 -23.21 -13.21 -2.46
N GLY A 271 -23.33 -13.43 -3.76
CA GLY A 271 -24.25 -12.68 -4.60
C GLY A 271 -24.01 -11.17 -4.56
N GLN A 272 -22.76 -10.78 -4.44
CA GLN A 272 -22.35 -9.40 -4.53
C GLN A 272 -22.20 -9.08 -6.01
N LYS A 273 -22.63 -7.89 -6.43
CA LYS A 273 -22.59 -7.54 -7.84
C LYS A 273 -22.06 -6.13 -8.07
N LEU A 274 -21.21 -5.96 -9.09
CA LEU A 274 -20.65 -4.64 -9.40
C LEU A 274 -21.68 -3.52 -9.42
N SER A 275 -22.86 -3.83 -9.92
CA SER A 275 -23.92 -2.83 -9.99
C SER A 275 -24.21 -2.23 -8.62
N TYR A 276 -23.86 -2.95 -7.55
CA TYR A 276 -24.17 -2.48 -6.20
C TYR A 276 -23.29 -1.30 -5.80
N THR A 277 -22.26 -1.03 -6.60
CA THR A 277 -21.20 -0.13 -6.19
C THR A 277 -21.35 1.32 -6.63
N LYS A 278 -22.56 1.71 -7.02
CA LYS A 278 -22.85 3.11 -7.35
C LYS A 278 -22.55 4.10 -6.22
N ASN A 279 -22.87 3.72 -4.98
CA ASN A 279 -22.60 4.55 -3.80
C ASN A 279 -21.32 4.13 -3.08
N TRP A 280 -20.46 3.42 -3.80
CA TRP A 280 -19.18 2.96 -3.30
C TRP A 280 -18.51 4.02 -2.44
N GLY A 281 -17.94 3.61 -1.33
CA GLY A 281 -17.21 4.52 -0.46
C GLY A 281 -17.87 4.76 0.88
N GLU A 282 -18.00 6.03 1.24
CA GLU A 282 -18.65 6.39 2.49
C GLU A 282 -20.06 5.77 2.54
N GLY A 283 -20.67 5.70 1.37
CA GLY A 283 -21.99 5.11 1.22
C GLY A 283 -22.01 3.69 1.75
N TRP A 284 -20.93 2.95 1.48
CA TRP A 284 -20.79 1.57 1.92
C TRP A 284 -20.40 1.42 3.39
N GLY A 285 -20.29 2.53 4.12
CA GLY A 285 -19.91 2.45 5.52
C GLY A 285 -18.42 2.52 5.75
N PHE A 286 -17.68 2.80 4.68
CA PHE A 286 -16.27 3.09 4.81
C PHE A 286 -16.13 4.38 5.62
N MET A 287 -14.96 4.59 6.20
CA MET A 287 -14.69 5.81 6.98
C MET A 287 -14.74 7.02 6.08
N ALA A 288 -14.56 8.19 6.66
CA ALA A 288 -14.64 9.41 5.89
C ALA A 288 -13.52 9.46 4.88
N ASP A 289 -13.86 9.91 3.67
CA ASP A 289 -12.94 9.93 2.54
C ASP A 289 -11.56 10.56 2.86
N GLY A 290 -11.55 11.65 3.61
CA GLY A 290 -10.29 12.32 3.91
C GLY A 290 -9.45 11.64 4.97
N ASN A 291 -10.00 10.61 5.59
CA ASN A 291 -9.28 9.83 6.59
C ASN A 291 -8.64 8.56 6.03
N ALA A 292 -9.05 8.22 4.81
CA ALA A 292 -8.83 6.90 4.23
C ALA A 292 -7.56 6.74 3.38
N VAL A 293 -6.90 5.59 3.55
CA VAL A 293 -5.92 5.13 2.59
C VAL A 293 -6.43 3.79 2.05
N VAL A 294 -6.51 3.66 0.74
CA VAL A 294 -7.13 2.50 0.15
C VAL A 294 -6.17 1.71 -0.74
N PHE A 295 -6.40 0.40 -0.82
CA PHE A 295 -5.54 -0.48 -1.59
C PHE A 295 -6.29 -1.77 -1.84
N THR A 296 -5.88 -2.53 -2.84
CA THR A 296 -6.55 -3.78 -3.14
C THR A 296 -6.02 -4.90 -2.24
N ASP A 297 -4.71 -4.96 -2.13
CA ASP A 297 -4.07 -5.97 -1.32
C ASP A 297 -2.81 -5.33 -0.75
N ASN A 298 -2.35 -5.89 0.36
CA ASN A 298 -1.03 -5.56 0.89
C ASN A 298 -0.22 -6.82 1.14
N HIS A 299 1.02 -6.66 1.57
CA HIS A 299 1.90 -7.79 1.77
C HIS A 299 1.32 -8.89 2.64
N ASP A 300 0.51 -8.51 3.63
CA ASP A 300 -0.08 -9.50 4.53
C ASP A 300 -1.16 -10.34 3.89
N ASN A 301 -2.15 -9.64 3.33
CA ASN A 301 -3.36 -10.34 2.94
C ASN A 301 -3.29 -10.89 1.53
N GLN A 302 -2.25 -10.50 0.81
CA GLN A 302 -2.05 -11.07 -0.51
C GLN A 302 -1.62 -12.53 -0.37
N ARG A 303 -1.21 -12.89 0.85
CA ARG A 303 -0.93 -14.29 1.17
C ARG A 303 -2.15 -14.99 1.77
N GLY A 304 -3.32 -14.39 1.59
CA GLY A 304 -4.57 -15.11 1.79
C GLY A 304 -4.95 -15.45 3.21
N HIS A 305 -4.19 -14.94 4.17
CA HIS A 305 -4.55 -15.15 5.57
C HIS A 305 -4.41 -13.88 6.34
N GLY A 306 -5.10 -12.86 5.86
CA GLY A 306 -5.19 -11.58 6.51
C GLY A 306 -6.63 -11.12 6.44
N ALA A 307 -6.81 -9.80 6.56
CA ALA A 307 -8.12 -9.18 6.46
C ALA A 307 -8.77 -9.40 5.09
N GLY A 308 -9.80 -10.24 5.03
CA GLY A 308 -10.47 -10.55 3.77
C GLY A 308 -10.14 -11.95 3.29
N GLY A 309 -9.04 -12.48 3.82
CA GLY A 309 -8.61 -13.81 3.48
C GLY A 309 -8.76 -14.09 2.01
N ALA A 310 -9.70 -15.00 1.70
CA ALA A 310 -9.81 -15.57 0.37
C ALA A 310 -10.29 -14.57 -0.67
N SER A 311 -11.09 -13.60 -0.24
CA SER A 311 -11.66 -12.64 -1.17
C SER A 311 -10.67 -11.59 -1.68
N ILE A 312 -9.56 -11.37 -0.97
CA ILE A 312 -8.54 -10.42 -1.44
C ILE A 312 -7.98 -10.80 -2.82
N LEU A 313 -7.76 -9.81 -3.68
CA LEU A 313 -7.26 -10.04 -5.03
C LEU A 313 -5.81 -9.65 -5.23
N THR A 314 -5.08 -10.46 -5.98
CA THR A 314 -3.64 -10.27 -6.15
C THR A 314 -3.20 -10.51 -7.58
N PHE A 315 -1.95 -10.19 -7.86
CA PHE A 315 -1.36 -10.47 -9.17
C PHE A 315 -1.54 -11.95 -9.54
N TRP A 316 -1.85 -12.79 -8.56
CA TRP A 316 -2.08 -14.21 -8.86
C TRP A 316 -3.33 -14.36 -9.73
N ASP A 317 -4.18 -13.33 -9.73
CA ASP A 317 -5.43 -13.36 -10.51
C ASP A 317 -5.52 -12.12 -11.35
N PRO A 318 -4.67 -12.05 -12.37
CA PRO A 318 -4.41 -10.83 -13.16
C PRO A 318 -5.69 -10.19 -13.64
N ARG A 319 -6.50 -10.95 -14.36
CA ARG A 319 -7.65 -10.38 -15.02
C ARG A 319 -8.55 -9.63 -14.03
N LEU A 320 -9.02 -10.31 -13.00
CA LEU A 320 -9.81 -9.60 -12.00
C LEU A 320 -9.01 -8.48 -11.33
N TYR A 321 -7.74 -8.76 -11.07
CA TYR A 321 -6.89 -7.83 -10.33
C TYR A 321 -6.78 -6.50 -11.06
N LYS A 322 -6.53 -6.57 -12.35
CA LYS A 322 -6.36 -5.33 -13.10
C LYS A 322 -7.67 -4.53 -13.03
N MET A 323 -8.80 -5.20 -13.19
CA MET A 323 -10.06 -4.48 -13.12
C MET A 323 -10.25 -3.83 -11.75
N ALA A 324 -9.96 -4.59 -10.70
CA ALA A 324 -10.11 -4.09 -9.35
C ALA A 324 -9.23 -2.85 -9.10
N VAL A 325 -7.95 -2.96 -9.42
CA VAL A 325 -7.04 -1.85 -9.25
C VAL A 325 -7.44 -0.66 -10.13
N GLY A 326 -7.87 -0.95 -11.36
CA GLY A 326 -8.33 0.11 -12.23
C GLY A 326 -9.52 0.82 -11.62
N TYR A 327 -10.47 0.04 -11.10
CA TYR A 327 -11.63 0.62 -10.46
C TYR A 327 -11.16 1.55 -9.35
N MET A 328 -10.35 1.02 -8.45
CA MET A 328 -9.84 1.81 -7.34
C MET A 328 -9.25 3.13 -7.83
N LEU A 329 -8.34 3.04 -8.78
CA LEU A 329 -7.68 4.24 -9.24
C LEU A 329 -8.64 5.23 -9.89
N ALA A 330 -9.73 4.73 -10.48
CA ALA A 330 -10.66 5.65 -11.13
C ALA A 330 -11.55 6.33 -10.10
N HIS A 331 -11.88 5.61 -9.04
CA HIS A 331 -12.82 6.14 -8.06
C HIS A 331 -12.15 7.17 -7.19
N PRO A 332 -12.91 8.22 -6.84
CA PRO A 332 -12.40 9.37 -6.08
C PRO A 332 -12.11 9.05 -4.61
N TYR A 333 -12.78 8.05 -4.06
CA TYR A 333 -12.64 7.73 -2.64
C TYR A 333 -11.23 7.35 -2.24
N GLY A 334 -10.83 7.81 -1.06
CA GLY A 334 -9.57 7.43 -0.43
C GLY A 334 -8.27 7.86 -1.10
N PHE A 335 -7.18 7.75 -0.37
CA PHE A 335 -5.84 7.96 -0.94
C PHE A 335 -5.23 6.60 -1.28
N THR A 336 -4.86 6.44 -2.54
CA THR A 336 -4.67 5.10 -3.10
C THR A 336 -3.23 4.60 -3.17
N ARG A 337 -3.03 3.35 -2.78
CA ARG A 337 -1.72 2.74 -2.81
C ARG A 337 -1.75 1.44 -3.59
N VAL A 338 -0.90 1.37 -4.61
CA VAL A 338 -0.77 0.21 -5.47
C VAL A 338 0.27 -0.74 -4.90
N MET A 339 -0.03 -2.02 -4.96
CA MET A 339 0.88 -3.05 -4.48
C MET A 339 1.99 -3.35 -5.51
N SER A 340 3.18 -3.65 -5.03
CA SER A 340 4.24 -4.15 -5.91
C SER A 340 4.95 -5.33 -5.28
N SER A 341 4.55 -6.51 -5.74
CA SER A 341 4.91 -7.77 -5.11
C SER A 341 6.09 -8.48 -5.79
N TYR A 342 6.57 -9.53 -5.13
CA TYR A 342 7.44 -10.50 -5.79
C TYR A 342 6.67 -11.83 -5.72
N SER A 343 7.02 -12.79 -6.58
CA SER A 343 6.34 -14.09 -6.49
C SER A 343 7.17 -15.13 -5.73
N TRP A 344 6.57 -16.30 -5.54
CA TRP A 344 7.17 -17.35 -4.75
C TRP A 344 6.35 -18.64 -4.98
N ASP A 345 6.96 -19.80 -4.72
CA ASP A 345 6.25 -21.07 -4.91
C ASP A 345 5.15 -21.29 -3.86
N ARG A 346 3.91 -20.99 -4.25
CA ARG A 346 2.77 -21.23 -3.36
C ARG A 346 2.55 -22.71 -3.14
N ASN A 347 2.27 -23.08 -1.90
CA ASN A 347 2.01 -24.47 -1.59
C ASN A 347 0.87 -24.63 -0.60
N PHE A 348 -0.31 -24.87 -1.14
CA PHE A 348 -1.50 -24.93 -0.30
C PHE A 348 -1.76 -26.30 0.30
N VAL A 349 -1.94 -26.30 1.62
CA VAL A 349 -2.14 -27.51 2.38
C VAL A 349 -3.22 -27.25 3.41
N ASN A 350 -4.41 -27.76 3.14
CA ASN A 350 -5.61 -27.40 3.91
C ASN A 350 -5.95 -25.93 3.77
N GLY A 351 -5.79 -25.41 2.55
CA GLY A 351 -6.09 -24.01 2.27
C GLY A 351 -5.22 -22.99 2.97
N LYS A 352 -4.00 -23.37 3.31
CA LYS A 352 -3.03 -22.40 3.84
C LYS A 352 -1.70 -22.56 3.12
N ASP A 353 -1.11 -21.44 2.72
CA ASP A 353 0.12 -21.45 1.97
C ASP A 353 1.29 -21.63 2.90
N GLU A 354 1.74 -22.88 3.02
CA GLU A 354 2.84 -23.22 3.90
C GLU A 354 4.14 -22.50 3.51
N ASN A 355 4.13 -21.87 2.35
CA ASN A 355 5.30 -21.09 1.92
C ASN A 355 5.11 -19.60 1.99
N ASP A 356 4.11 -19.14 2.72
CA ASP A 356 3.80 -17.71 2.77
C ASP A 356 4.84 -16.90 3.55
N TRP A 357 5.76 -17.60 4.20
CA TRP A 357 6.88 -16.96 4.90
C TRP A 357 7.98 -16.50 3.93
N ILE A 358 8.01 -17.06 2.72
CA ILE A 358 9.17 -16.89 1.86
C ILE A 358 9.47 -15.42 1.55
N GLY A 359 10.75 -15.06 1.67
CA GLY A 359 11.22 -13.71 1.39
C GLY A 359 11.33 -13.38 -0.09
N PRO A 360 11.90 -12.22 -0.39
CA PRO A 360 12.09 -11.75 -1.78
C PRO A 360 13.13 -12.57 -2.55
N PRO A 361 13.11 -12.47 -3.89
CA PRO A 361 14.13 -13.13 -4.70
C PRO A 361 15.50 -12.76 -4.18
N SER A 362 16.36 -13.75 -3.98
CA SER A 362 17.62 -13.46 -3.35
C SER A 362 18.64 -14.56 -3.58
N ASN A 363 19.89 -14.17 -3.55
CA ASN A 363 20.98 -15.12 -3.57
C ASN A 363 20.86 -15.95 -2.32
N GLY A 364 21.13 -17.25 -2.41
CA GLY A 364 21.36 -18.02 -1.20
C GLY A 364 22.41 -17.19 -0.47
N ASP A 365 22.34 -17.13 0.86
CA ASP A 365 23.11 -16.16 1.66
C ASP A 365 22.15 -15.07 2.09
N GLY A 366 20.95 -15.13 1.53
CA GLY A 366 19.83 -14.33 2.00
C GLY A 366 19.90 -12.85 1.71
N SER A 367 20.84 -12.43 0.89
CA SER A 367 20.77 -11.06 0.42
C SER A 367 19.88 -11.01 -0.82
N THR A 368 19.12 -9.92 -0.94
CA THR A 368 18.12 -9.83 -1.99
C THR A 368 18.70 -9.33 -3.33
N LYS A 369 18.23 -9.93 -4.42
CA LYS A 369 18.70 -9.58 -5.75
C LYS A 369 18.22 -8.19 -6.16
N PRO A 370 18.97 -7.55 -7.07
CA PRO A 370 18.48 -6.35 -7.76
C PRO A 370 17.31 -6.69 -8.67
N VAL A 371 16.67 -5.63 -9.17
CA VAL A 371 15.52 -5.75 -10.04
C VAL A 371 15.96 -5.49 -11.47
N PRO A 372 15.86 -6.52 -12.32
CA PRO A 372 16.28 -6.42 -13.72
C PRO A 372 15.10 -5.99 -14.61
N ILE A 373 15.37 -5.01 -15.47
CA ILE A 373 14.32 -4.55 -16.36
C ILE A 373 14.37 -5.24 -17.75
N ASN A 374 13.30 -5.96 -18.09
CA ASN A 374 13.18 -6.50 -19.44
C ASN A 374 12.94 -5.40 -20.44
N PRO A 375 13.35 -5.62 -21.69
CA PRO A 375 13.39 -4.59 -22.74
C PRO A 375 11.99 -4.05 -23.04
N ASP A 376 10.98 -4.91 -22.92
CA ASP A 376 9.60 -4.49 -23.09
C ASP A 376 9.03 -3.90 -21.80
N GLN A 377 9.93 -3.50 -20.91
CA GLN A 377 9.58 -2.67 -19.75
C GLN A 377 8.87 -3.39 -18.60
N THR A 378 9.09 -4.70 -18.50
CA THR A 378 8.60 -5.47 -17.37
C THR A 378 9.78 -5.88 -16.46
N CYS A 379 9.53 -6.70 -15.43
CA CYS A 379 10.59 -7.06 -14.49
C CYS A 379 10.91 -8.55 -14.49
N GLY A 380 12.19 -8.87 -14.36
CA GLY A 380 12.62 -10.25 -14.27
C GLY A 380 12.84 -10.76 -12.85
N ASP A 381 13.38 -11.98 -12.75
CA ASP A 381 13.87 -12.56 -11.49
C ASP A 381 12.80 -12.77 -10.42
N GLY A 382 11.53 -12.74 -10.78
CA GLY A 382 10.49 -13.07 -9.81
C GLY A 382 9.81 -11.88 -9.17
N TRP A 383 10.38 -10.70 -9.42
CA TRP A 383 9.68 -9.45 -9.16
C TRP A 383 8.49 -9.32 -10.11
N VAL A 384 7.31 -9.07 -9.57
CA VAL A 384 6.12 -8.97 -10.39
C VAL A 384 5.99 -7.61 -11.07
N CYS A 385 5.99 -6.55 -10.28
CA CYS A 385 5.98 -5.18 -10.78
C CYS A 385 4.65 -4.74 -11.34
N GLU A 386 3.59 -5.10 -10.64
CA GLU A 386 2.24 -4.74 -11.07
C GLU A 386 2.19 -3.27 -11.47
N HIS A 387 2.93 -2.45 -10.74
CA HIS A 387 2.94 -1.01 -11.01
C HIS A 387 3.44 -0.67 -12.42
N ARG A 388 4.08 -1.62 -13.07
CA ARG A 388 4.59 -1.38 -14.41
C ARG A 388 3.65 -1.87 -15.51
N TRP A 389 2.58 -2.55 -15.11
CA TRP A 389 1.61 -3.05 -16.09
C TRP A 389 0.91 -1.92 -16.81
N ARG A 390 0.79 -2.05 -18.12
CA ARG A 390 0.12 -1.00 -18.90
C ARG A 390 -1.19 -0.59 -18.22
N GLN A 391 -2.03 -1.57 -17.91
CA GLN A 391 -3.37 -1.31 -17.38
C GLN A 391 -3.33 -0.66 -16.00
N ILE A 392 -2.15 -0.63 -15.39
CA ILE A 392 -2.03 0.01 -14.09
C ILE A 392 -1.37 1.37 -14.25
N MET A 393 -0.16 1.42 -14.78
CA MET A 393 0.51 2.71 -14.88
C MET A 393 -0.40 3.72 -15.59
N ASN A 394 -1.22 3.25 -16.51
CA ASN A 394 -2.10 4.16 -17.23
C ASN A 394 -3.28 4.60 -16.37
N MET A 395 -3.71 3.75 -15.47
CA MET A 395 -4.74 4.20 -14.55
C MET A 395 -4.17 5.12 -13.49
N VAL A 396 -2.90 4.97 -13.16
CA VAL A 396 -2.19 5.93 -12.32
C VAL A 396 -2.18 7.32 -12.97
N GLN A 397 -2.03 7.37 -14.29
CA GLN A 397 -2.09 8.62 -15.01
C GLN A 397 -3.53 9.15 -15.01
N PHE A 398 -4.46 8.24 -15.32
CA PHE A 398 -5.86 8.58 -15.34
C PHE A 398 -6.21 9.31 -14.05
N ARG A 399 -5.84 8.73 -12.91
CA ARG A 399 -6.13 9.34 -11.62
C ARG A 399 -5.51 10.74 -11.48
N ASN A 400 -4.32 10.93 -12.06
CA ASN A 400 -3.74 12.26 -12.05
C ASN A 400 -4.60 13.22 -12.85
N VAL A 401 -5.00 12.76 -14.03
CA VAL A 401 -5.73 13.63 -14.95
C VAL A 401 -7.06 14.09 -14.35
N VAL A 402 -7.83 13.15 -13.80
CA VAL A 402 -9.18 13.46 -13.36
C VAL A 402 -9.21 14.01 -11.95
N ASN A 403 -8.03 14.11 -11.33
CA ASN A 403 -7.96 14.45 -9.93
C ASN A 403 -8.84 15.65 -9.57
N GLY A 404 -9.66 15.47 -8.53
CA GLY A 404 -10.55 16.52 -8.06
C GLY A 404 -11.96 16.44 -8.61
N GLN A 405 -12.08 15.93 -9.83
CA GLN A 405 -13.38 15.84 -10.50
C GLN A 405 -14.31 14.92 -9.73
N PRO A 406 -15.60 15.28 -9.71
CA PRO A 406 -16.62 14.47 -9.05
C PRO A 406 -16.95 13.17 -9.79
N HIS A 407 -17.29 12.16 -9.00
CA HIS A 407 -17.98 10.99 -9.51
C HIS A 407 -19.22 11.48 -10.28
N ALA A 408 -19.49 10.90 -11.44
CA ALA A 408 -20.54 11.42 -12.30
C ALA A 408 -20.95 10.42 -13.35
N ASN A 409 -22.17 10.55 -13.86
CA ASN A 409 -22.62 9.77 -15.00
C ASN A 409 -22.61 8.28 -14.79
N TRP A 410 -23.09 7.88 -13.63
CA TRP A 410 -23.11 6.48 -13.28
C TRP A 410 -24.06 5.68 -14.18
N TRP A 411 -23.65 4.47 -14.51
CA TRP A 411 -24.51 3.56 -15.23
C TRP A 411 -24.23 2.10 -14.82
N ASP A 412 -25.25 1.26 -14.90
CA ASP A 412 -25.11 -0.17 -14.62
C ASP A 412 -26.23 -0.96 -15.28
N ASN A 413 -25.94 -2.21 -15.63
CA ASN A 413 -26.92 -3.06 -16.30
C ASN A 413 -27.69 -3.95 -15.34
N GLY A 414 -27.64 -3.60 -14.05
CA GLY A 414 -28.37 -4.33 -13.03
C GLY A 414 -27.57 -5.50 -12.50
N ASN A 415 -26.40 -5.75 -13.08
CA ASN A 415 -25.63 -6.92 -12.73
C ASN A 415 -24.15 -6.65 -12.46
N ASN A 416 -23.29 -6.89 -13.45
CA ASN A 416 -21.85 -6.71 -13.27
C ASN A 416 -21.17 -5.96 -14.40
N GLN A 417 -21.94 -5.14 -15.11
CA GLN A 417 -21.44 -4.18 -16.07
C GLN A 417 -21.75 -2.81 -15.52
N VAL A 418 -20.74 -1.98 -15.30
CA VAL A 418 -21.00 -0.60 -14.86
C VAL A 418 -20.01 0.37 -15.50
N ALA A 419 -20.31 1.66 -15.38
CA ALA A 419 -19.43 2.71 -15.89
C ALA A 419 -19.62 3.95 -15.06
N PHE A 420 -18.60 4.79 -14.99
CA PHE A 420 -18.75 6.09 -14.38
C PHE A 420 -17.72 7.08 -14.89
N GLY A 421 -18.00 8.36 -14.61
CA GLY A 421 -17.15 9.43 -15.06
C GLY A 421 -16.60 10.21 -13.89
N ARG A 422 -15.54 10.94 -14.16
CA ARG A 422 -14.98 11.87 -13.20
C ARG A 422 -15.01 13.26 -13.84
N GLY A 423 -15.94 14.09 -13.39
CA GLY A 423 -16.16 15.38 -14.04
C GLY A 423 -16.36 15.25 -15.55
N ASN A 424 -15.69 16.12 -16.29
CA ASN A 424 -15.66 15.98 -17.74
C ASN A 424 -14.27 15.57 -18.17
N ARG A 425 -13.53 14.92 -17.28
CA ARG A 425 -12.11 14.66 -17.50
C ARG A 425 -11.83 13.21 -17.88
N GLY A 426 -12.74 12.32 -17.52
CA GLY A 426 -12.53 10.91 -17.78
C GLY A 426 -13.76 10.04 -17.56
N PHE A 427 -13.76 8.94 -18.27
CA PHE A 427 -14.84 7.96 -18.19
C PHE A 427 -14.27 6.56 -18.23
N ILE A 428 -14.83 5.69 -17.40
CA ILE A 428 -14.39 4.31 -17.37
C ILE A 428 -15.58 3.35 -17.46
N VAL A 429 -15.37 2.20 -18.08
CA VAL A 429 -16.42 1.22 -18.31
C VAL A 429 -15.95 -0.20 -17.99
N PHE A 430 -16.69 -0.91 -17.14
CA PHE A 430 -16.34 -2.29 -16.77
C PHE A 430 -17.35 -3.31 -17.28
N ASN A 431 -16.85 -4.45 -17.73
CA ASN A 431 -17.72 -5.56 -18.05
C ASN A 431 -17.26 -6.81 -17.34
N ASN A 432 -17.88 -7.08 -16.19
CA ASN A 432 -17.60 -8.30 -15.47
C ASN A 432 -18.74 -9.30 -15.57
N ASP A 433 -19.59 -9.20 -16.59
CA ASP A 433 -20.65 -10.20 -16.77
C ASP A 433 -20.22 -11.30 -17.74
N ASP A 434 -21.02 -12.37 -17.80
CA ASP A 434 -20.75 -13.51 -18.68
C ASP A 434 -21.36 -13.36 -20.09
N TRP A 435 -21.77 -12.15 -20.43
CA TRP A 435 -22.13 -11.84 -21.81
C TRP A 435 -21.50 -10.52 -22.18
N ALA A 436 -21.67 -10.13 -23.44
CA ALA A 436 -21.02 -8.95 -23.99
C ALA A 436 -21.61 -7.64 -23.44
N LEU A 437 -20.76 -6.63 -23.29
CA LEU A 437 -21.24 -5.28 -22.99
C LEU A 437 -21.38 -4.53 -24.31
N ASP A 438 -22.46 -3.79 -24.43
CA ASP A 438 -22.89 -3.27 -25.71
C ASP A 438 -23.88 -2.12 -25.47
N VAL A 439 -23.37 -0.90 -25.36
CA VAL A 439 -24.23 0.27 -25.13
C VAL A 439 -23.66 1.60 -25.54
N THR A 440 -24.56 2.55 -25.68
CA THR A 440 -24.20 3.94 -25.82
C THR A 440 -24.41 4.56 -24.45
N LEU A 441 -23.46 5.40 -24.03
CA LEU A 441 -23.54 6.00 -22.71
C LEU A 441 -23.16 7.45 -22.80
N ASN A 442 -23.73 8.28 -21.92
CA ASN A 442 -23.26 9.65 -21.77
C ASN A 442 -22.03 9.68 -20.89
N THR A 443 -20.88 9.92 -21.53
CA THR A 443 -19.60 9.88 -20.86
C THR A 443 -19.33 11.17 -20.13
N GLY A 444 -20.13 12.20 -20.42
CA GLY A 444 -19.93 13.49 -19.80
C GLY A 444 -18.71 14.20 -20.35
N LEU A 445 -18.12 13.61 -21.39
CA LEU A 445 -16.89 14.12 -21.98
C LEU A 445 -17.11 14.97 -23.24
N PRO A 446 -16.16 15.88 -23.51
CA PRO A 446 -16.15 16.60 -24.78
C PRO A 446 -16.09 15.62 -25.94
N GLY A 447 -16.70 15.97 -27.06
CA GLY A 447 -16.72 15.11 -28.21
C GLY A 447 -15.35 14.96 -28.85
N GLY A 448 -15.08 13.77 -29.37
CA GLY A 448 -13.84 13.52 -30.05
C GLY A 448 -13.46 12.07 -30.08
N THR A 449 -12.26 11.80 -30.55
CA THR A 449 -11.76 10.44 -30.55
C THR A 449 -10.75 10.28 -29.42
N TYR A 450 -11.09 9.42 -28.46
CA TYR A 450 -10.24 9.15 -27.32
C TYR A 450 -9.61 7.78 -27.44
N CYS A 451 -8.39 7.64 -26.96
CA CYS A 451 -7.68 6.36 -26.90
C CYS A 451 -7.94 5.60 -25.60
N ASP A 452 -8.37 4.35 -25.72
CA ASP A 452 -8.54 3.48 -24.56
C ASP A 452 -7.20 3.19 -23.93
N VAL A 453 -6.92 3.80 -22.79
CA VAL A 453 -5.62 3.62 -22.15
C VAL A 453 -5.41 2.23 -21.54
N ILE A 454 -6.45 1.43 -21.47
CA ILE A 454 -6.29 0.08 -20.96
C ILE A 454 -5.62 -0.80 -21.99
N SER A 455 -6.04 -0.64 -23.24
CA SER A 455 -5.52 -1.46 -24.33
C SER A 455 -4.34 -0.80 -25.05
N GLY A 456 -3.87 0.33 -24.52
CA GLY A 456 -2.77 1.02 -25.15
C GLY A 456 -2.77 2.47 -24.76
N ASN A 457 -2.11 3.32 -25.53
CA ASN A 457 -2.04 4.74 -25.21
C ASN A 457 -2.18 5.61 -26.45
N LYS A 458 -2.24 6.92 -26.24
CA LYS A 458 -2.08 7.90 -27.31
C LYS A 458 -0.60 7.97 -27.67
N ASP A 459 -0.29 7.79 -28.94
CA ASP A 459 1.09 7.95 -29.41
C ASP A 459 1.04 8.75 -30.70
N GLY A 460 1.64 9.92 -30.68
CA GLY A 460 1.56 10.81 -31.81
C GLY A 460 0.12 11.22 -32.04
N GLY A 461 -0.35 11.09 -33.26
CA GLY A 461 -1.71 11.46 -33.59
C GLY A 461 -2.57 10.23 -33.79
N SER A 462 -2.34 9.22 -32.96
CA SER A 462 -3.07 7.96 -33.10
C SER A 462 -3.08 7.09 -31.83
N CYS A 463 -3.94 6.09 -31.85
CA CYS A 463 -4.12 5.15 -30.74
C CYS A 463 -3.36 3.87 -31.04
N THR A 464 -2.60 3.39 -30.05
CA THR A 464 -1.92 2.12 -30.18
C THR A 464 -2.88 0.95 -29.97
N GLY A 465 -3.95 1.17 -29.20
CA GLY A 465 -4.96 0.15 -29.00
C GLY A 465 -6.34 0.52 -29.53
N LYS A 466 -7.36 0.04 -28.83
CA LYS A 466 -8.75 0.45 -29.05
C LYS A 466 -8.88 1.97 -28.99
N GLN A 467 -9.97 2.47 -29.54
CA GLN A 467 -10.24 3.89 -29.50
C GLN A 467 -11.72 4.06 -29.56
N ILE A 468 -12.16 5.25 -29.16
CA ILE A 468 -13.56 5.47 -28.88
C ILE A 468 -14.00 6.84 -29.37
N THR A 469 -15.17 6.84 -30.00
CA THR A 469 -15.69 8.03 -30.62
C THR A 469 -16.81 8.63 -29.79
N VAL A 470 -16.52 9.79 -29.19
CA VAL A 470 -17.52 10.52 -28.42
C VAL A 470 -18.21 11.58 -29.27
N GLY A 471 -19.52 11.42 -29.44
CA GLY A 471 -20.34 12.43 -30.11
C GLY A 471 -20.29 13.77 -29.39
N GLY A 472 -20.61 14.84 -30.11
CA GLY A 472 -20.62 16.17 -29.54
C GLY A 472 -21.47 16.21 -28.28
N ASP A 473 -22.52 15.40 -28.26
CA ASP A 473 -23.41 15.30 -27.10
C ASP A 473 -22.82 14.48 -25.97
N GLY A 474 -21.60 13.99 -26.19
CA GLY A 474 -20.88 13.24 -25.17
C GLY A 474 -21.31 11.79 -25.06
N ARG A 475 -22.19 11.36 -25.97
CA ARG A 475 -22.62 9.97 -26.04
C ARG A 475 -21.57 9.15 -26.75
N ALA A 476 -21.39 7.89 -26.34
CA ALA A 476 -20.43 7.02 -26.98
C ALA A 476 -20.87 5.56 -26.91
N HIS A 477 -20.65 4.84 -28.00
CA HIS A 477 -20.95 3.42 -28.01
C HIS A 477 -19.78 2.57 -27.55
N PHE A 478 -20.04 1.73 -26.56
CA PHE A 478 -19.04 0.78 -26.09
C PHE A 478 -19.38 -0.67 -26.38
N TYR A 479 -18.39 -1.39 -26.86
CA TYR A 479 -18.50 -2.81 -27.02
C TYR A 479 -17.33 -3.50 -26.30
N ILE A 480 -17.65 -4.19 -25.20
CA ILE A 480 -16.64 -5.01 -24.55
C ILE A 480 -17.15 -6.42 -24.50
N ASN A 481 -16.60 -7.29 -25.35
CA ASN A 481 -16.97 -8.68 -25.27
C ASN A 481 -16.38 -9.35 -24.04
N ASN A 482 -17.16 -10.20 -23.37
CA ASN A 482 -16.66 -10.89 -22.18
C ASN A 482 -15.47 -11.81 -22.44
N SER A 483 -15.22 -12.12 -23.70
CA SER A 483 -14.02 -12.89 -24.08
C SER A 483 -12.75 -12.08 -23.79
N GLU A 484 -12.89 -10.75 -23.94
CA GLU A 484 -11.78 -9.82 -23.91
C GLU A 484 -10.86 -10.11 -22.74
N GLU A 485 -9.55 -10.08 -22.98
CA GLU A 485 -8.57 -10.40 -21.96
C GLU A 485 -8.53 -9.32 -20.86
N ASP A 486 -9.02 -8.12 -21.20
CA ASP A 486 -9.16 -7.00 -20.26
C ASP A 486 -10.52 -6.38 -20.48
N PRO A 487 -11.55 -6.90 -19.82
CA PRO A 487 -12.93 -6.52 -20.13
C PRO A 487 -13.34 -5.15 -19.58
N PHE A 488 -12.47 -4.17 -19.67
CA PHE A 488 -12.82 -2.81 -19.27
C PHE A 488 -12.06 -1.75 -20.07
N ILE A 489 -12.67 -0.57 -20.22
CA ILE A 489 -12.13 0.50 -21.06
C ILE A 489 -12.07 1.84 -20.35
N ALA A 490 -10.96 2.56 -20.48
CA ALA A 490 -10.88 3.87 -19.86
C ALA A 490 -10.31 4.92 -20.81
N ILE A 491 -10.88 6.11 -20.74
CA ILE A 491 -10.43 7.23 -21.57
C ILE A 491 -10.47 8.53 -20.78
N HIS A 492 -9.67 9.50 -21.21
CA HIS A 492 -9.58 10.76 -20.47
C HIS A 492 -8.98 11.88 -21.32
N ALA A 493 -9.10 13.10 -20.81
CA ALA A 493 -8.66 14.29 -21.51
C ALA A 493 -7.30 14.17 -22.17
N ASP A 494 -6.32 13.64 -21.42
CA ASP A 494 -4.98 13.48 -21.99
C ASP A 494 -4.85 12.31 -22.97
N SER A 495 -5.86 11.45 -23.04
CA SER A 495 -5.87 10.42 -24.09
C SER A 495 -6.67 10.81 -25.34
N LYS A 496 -7.16 12.06 -25.41
CA LYS A 496 -7.88 12.55 -26.58
C LYS A 496 -6.95 12.94 -27.73
N LEU A 497 -7.49 13.08 -28.94
CA LEU A 497 -6.68 13.47 -30.10
C LEU A 497 -7.06 14.86 -30.62
N HIS A 498 -6.11 15.53 -31.28
CA HIS A 498 -6.40 16.79 -31.98
C HIS A 498 -7.59 16.62 -32.96
N HIS A 499 -8.30 17.72 -33.23
CA HIS A 499 -9.50 17.64 -34.07
C HIS A 499 -9.27 17.05 -35.48
#